data_2JSB
# 
_entry.id   2JSB 
# 
_audit_conform.dict_name       mmcif_pdbx.dic 
_audit_conform.dict_version    5.399 
_audit_conform.dict_location   http://mmcif.pdb.org/dictionaries/ascii/mmcif_pdbx.dic 
# 
loop_
_database_2.database_id 
_database_2.database_code 
_database_2.pdbx_database_accession 
_database_2.pdbx_DOI 
PDB   2JSB         pdb_00002jsb 10.2210/pdb2jsb/pdb 
RCSB  RCSB100227   ?            ?                   
WWPDB D_1000100227 ?            ?                   
BMRB  15359        ?            10.13018/BMR15359   
# 
loop_
_pdbx_audit_revision_history.ordinal 
_pdbx_audit_revision_history.data_content_type 
_pdbx_audit_revision_history.major_revision 
_pdbx_audit_revision_history.minor_revision 
_pdbx_audit_revision_history.revision_date 
1 'Structure model' 1 0 2008-02-05 
2 'Structure model' 1 1 2011-07-13 
3 'Structure model' 1 2 2020-02-19 
4 'Structure model' 1 3 2024-11-20 
# 
_pdbx_audit_revision_details.ordinal             1 
_pdbx_audit_revision_details.revision_ordinal    1 
_pdbx_audit_revision_details.data_content_type   'Structure model' 
_pdbx_audit_revision_details.provider            repository 
_pdbx_audit_revision_details.type                'Initial release' 
_pdbx_audit_revision_details.description         ? 
_pdbx_audit_revision_details.details             ? 
# 
loop_
_pdbx_audit_revision_group.ordinal 
_pdbx_audit_revision_group.revision_ordinal 
_pdbx_audit_revision_group.data_content_type 
_pdbx_audit_revision_group.group 
1 2 'Structure model' 'Version format compliance' 
2 3 'Structure model' 'Database references'       
3 3 'Structure model' 'Derived calculations'      
4 3 'Structure model' Other                       
5 3 'Structure model' 'Source and taxonomy'       
6 4 'Structure model' 'Data collection'           
7 4 'Structure model' 'Database references'       
8 4 'Structure model' 'Structure summary'         
# 
loop_
_pdbx_audit_revision_category.ordinal 
_pdbx_audit_revision_category.revision_ordinal 
_pdbx_audit_revision_category.data_content_type 
_pdbx_audit_revision_category.category 
1  3 'Structure model' database_2                
2  3 'Structure model' pdbx_database_status      
3  3 'Structure model' pdbx_entity_src_syn       
4  3 'Structure model' pdbx_struct_assembly      
5  3 'Structure model' pdbx_struct_oper_list     
6  4 'Structure model' chem_comp_atom            
7  4 'Structure model' chem_comp_bond            
8  4 'Structure model' database_2                
9  4 'Structure model' pdbx_entry_details        
10 4 'Structure model' pdbx_modification_feature 
# 
loop_
_pdbx_audit_revision_item.ordinal 
_pdbx_audit_revision_item.revision_ordinal 
_pdbx_audit_revision_item.data_content_type 
_pdbx_audit_revision_item.item 
1 3 'Structure model' '_pdbx_database_status.status_code_cs'      
2 3 'Structure model' '_pdbx_entity_src_syn.details'              
3 3 'Structure model' '_pdbx_entity_src_syn.ncbi_taxonomy_id'     
4 3 'Structure model' '_pdbx_entity_src_syn.organism_common_name' 
5 3 'Structure model' '_pdbx_entity_src_syn.organism_scientific'  
6 4 'Structure model' '_database_2.pdbx_DOI'                      
7 4 'Structure model' '_database_2.pdbx_database_accession'       
# 
_pdbx_database_status.deposit_site                    BMRB 
_pdbx_database_status.entry_id                        2JSB 
_pdbx_database_status.process_site                    RCSB 
_pdbx_database_status.recvd_initial_deposition_date   2007-07-02 
_pdbx_database_status.SG_entry                        ? 
_pdbx_database_status.status_code                     REL 
_pdbx_database_status.status_code_mr                  ? 
_pdbx_database_status.status_code_sf                  ? 
_pdbx_database_status.pdb_format_compatible           Y 
_pdbx_database_status.status_code_cs                  REL 
_pdbx_database_status.methods_development_category    ? 
_pdbx_database_status.status_code_nmr_data            ? 
# 
_pdbx_database_related.db_id          15359 
_pdbx_database_related.db_name        BMRB 
_pdbx_database_related.details        . 
_pdbx_database_related.content_type   unspecified 
# 
loop_
_audit_author.name 
_audit_author.pdbx_ordinal 
'Jakovkin, I.B.'         1 
'Hecht, O.'              2 
'Gelhaus, C.'            3 
'Krasnosdembskaya, A.D.' 4 
'Fedders, H.'            5 
'Leippe, M.'             6 
'Groetzinger, J.'        7 
# 
_citation.id                        primary 
_citation.title                     'Structure and mode of action of the antimicrobial peptide arenicin' 
_citation.journal_abbrev            Biochem.J. 
_citation.journal_volume            410 
_citation.page_first                113 
_citation.page_last                 122 
_citation.year                      2008 
_citation.journal_id_ASTM           BIJOAK 
_citation.country                   UK 
_citation.journal_id_ISSN           0264-6021 
_citation.journal_id_CSD            0043 
_citation.book_publisher            ? 
_citation.pdbx_database_id_PubMed   17935487 
_citation.pdbx_database_id_DOI      10.1042/BJ20071051 
# 
loop_
_citation_author.citation_id 
_citation_author.name 
_citation_author.ordinal 
_citation_author.identifier_ORCID 
primary 'Andra, J.'              1 ? 
primary 'Jakovkin, I.'           2 ? 
primary 'Grotzinger, J.'         3 ? 
primary 'Hecht, O.'              4 ? 
primary 'Krasnosdembskaya, A.D.' 5 ? 
primary 'Goldmann, T.'           6 ? 
primary 'Gutsmann, T.'           7 ? 
primary 'Leippe, M.'             8 ? 
# 
_entity.id                         1 
_entity.type                       polymer 
_entity.src_method                 syn 
_entity.pdbx_description           Arenicin-1 
_entity.formula_weight             2766.346 
_entity.pdbx_number_of_molecules   1 
_entity.pdbx_ec                    ? 
_entity.pdbx_mutation              ? 
_entity.pdbx_fragment              'sequence database residues 182-202' 
_entity.details                    ? 
# 
_entity_poly.entity_id                      1 
_entity_poly.type                           'polypeptide(L)' 
_entity_poly.nstd_linkage                   no 
_entity_poly.nstd_monomer                   no 
_entity_poly.pdbx_seq_one_letter_code       RWCVYAYVRVRGVLVRYRRCW 
_entity_poly.pdbx_seq_one_letter_code_can   RWCVYAYVRVRGVLVRYRRCW 
_entity_poly.pdbx_strand_id                 A 
_entity_poly.pdbx_target_identifier         ? 
# 
loop_
_entity_poly_seq.entity_id 
_entity_poly_seq.num 
_entity_poly_seq.mon_id 
_entity_poly_seq.hetero 
1 1  ARG n 
1 2  TRP n 
1 3  CYS n 
1 4  VAL n 
1 5  TYR n 
1 6  ALA n 
1 7  TYR n 
1 8  VAL n 
1 9  ARG n 
1 10 VAL n 
1 11 ARG n 
1 12 GLY n 
1 13 VAL n 
1 14 LEU n 
1 15 VAL n 
1 16 ARG n 
1 17 TYR n 
1 18 ARG n 
1 19 ARG n 
1 20 CYS n 
1 21 TRP n 
# 
_pdbx_entity_src_syn.entity_id              1 
_pdbx_entity_src_syn.pdbx_src_id            1 
_pdbx_entity_src_syn.pdbx_alt_source_flag   sample 
_pdbx_entity_src_syn.pdbx_beg_seq_num       ? 
_pdbx_entity_src_syn.pdbx_end_seq_num       ? 
_pdbx_entity_src_syn.organism_scientific    'Arenicola marina' 
_pdbx_entity_src_syn.organism_common_name   Lugworm 
_pdbx_entity_src_syn.ncbi_taxonomy_id       6344 
_pdbx_entity_src_syn.details                ? 
# 
loop_
_chem_comp.id 
_chem_comp.type 
_chem_comp.mon_nstd_flag 
_chem_comp.name 
_chem_comp.pdbx_synonyms 
_chem_comp.formula 
_chem_comp.formula_weight 
ALA 'L-peptide linking' y ALANINE    ? 'C3 H7 N O2'     89.093  
ARG 'L-peptide linking' y ARGININE   ? 'C6 H15 N4 O2 1' 175.209 
CYS 'L-peptide linking' y CYSTEINE   ? 'C3 H7 N O2 S'   121.158 
GLY 'peptide linking'   y GLYCINE    ? 'C2 H5 N O2'     75.067  
LEU 'L-peptide linking' y LEUCINE    ? 'C6 H13 N O2'    131.173 
TRP 'L-peptide linking' y TRYPTOPHAN ? 'C11 H12 N2 O2'  204.225 
TYR 'L-peptide linking' y TYROSINE   ? 'C9 H11 N O3'    181.189 
VAL 'L-peptide linking' y VALINE     ? 'C5 H11 N O2'    117.146 
# 
loop_
_pdbx_poly_seq_scheme.asym_id 
_pdbx_poly_seq_scheme.entity_id 
_pdbx_poly_seq_scheme.seq_id 
_pdbx_poly_seq_scheme.mon_id 
_pdbx_poly_seq_scheme.ndb_seq_num 
_pdbx_poly_seq_scheme.pdb_seq_num 
_pdbx_poly_seq_scheme.auth_seq_num 
_pdbx_poly_seq_scheme.pdb_mon_id 
_pdbx_poly_seq_scheme.auth_mon_id 
_pdbx_poly_seq_scheme.pdb_strand_id 
_pdbx_poly_seq_scheme.pdb_ins_code 
_pdbx_poly_seq_scheme.hetero 
A 1 1  ARG 1  1  1  ARG ARG A . n 
A 1 2  TRP 2  2  2  TRP TRP A . n 
A 1 3  CYS 3  3  3  CYS CYS A . n 
A 1 4  VAL 4  4  4  VAL VAL A . n 
A 1 5  TYR 5  5  5  TYR TYR A . n 
A 1 6  ALA 6  6  6  ALA ALA A . n 
A 1 7  TYR 7  7  7  TYR TYR A . n 
A 1 8  VAL 8  8  8  VAL VAL A . n 
A 1 9  ARG 9  9  9  ARG ARG A . n 
A 1 10 VAL 10 10 10 VAL VAL A . n 
A 1 11 ARG 11 11 11 ARG ARG A . n 
A 1 12 GLY 12 12 12 GLY GLY A . n 
A 1 13 VAL 13 13 13 VAL VAL A . n 
A 1 14 LEU 14 14 14 LEU LEU A . n 
A 1 15 VAL 15 15 15 VAL VAL A . n 
A 1 16 ARG 16 16 16 ARG ARG A . n 
A 1 17 TYR 17 17 17 TYR TYR A . n 
A 1 18 ARG 18 18 18 ARG ARG A . n 
A 1 19 ARG 19 19 19 ARG ARG A . n 
A 1 20 CYS 20 20 20 CYS CYS A . n 
A 1 21 TRP 21 21 21 TRP TRP A . n 
# 
_exptl.absorpt_coefficient_mu     ? 
_exptl.absorpt_correction_T_max   ? 
_exptl.absorpt_correction_T_min   ? 
_exptl.absorpt_correction_type    ? 
_exptl.absorpt_process_details    ? 
_exptl.crystals_number            ? 
_exptl.details                    ? 
_exptl.entry_id                   2JSB 
_exptl.method                     'SOLUTION NMR' 
_exptl.method_details             ? 
# 
_struct.entry_id                  2JSB 
_struct.title                     'Solution structure of arenicin-1' 
_struct.pdbx_model_details        ? 
_struct.pdbx_CASP_flag            ? 
_struct.pdbx_model_type_details   'minimized average' 
# 
_struct_keywords.entry_id        2JSB 
_struct_keywords.pdbx_keywords   'ANTIMICROBIAL PROTEIN' 
_struct_keywords.text            'arenicin, arenicin-1, antimicrobial, Arenicola marina, poreforming, ANTIMICROBIAL PROTEIN' 
# 
_struct_asym.id                            A 
_struct_asym.pdbx_blank_PDB_chainid_flag   N 
_struct_asym.pdbx_modified                 N 
_struct_asym.entity_id                     1 
_struct_asym.details                       ? 
# 
_struct_ref.id                         1 
_struct_ref.db_name                    UNP 
_struct_ref.db_code                    ANN1_AREMA 
_struct_ref.pdbx_db_accession          Q5SC60 
_struct_ref.entity_id                  1 
_struct_ref.pdbx_seq_one_letter_code   RWCVYAYVRVRGVLVRYRRCW 
_struct_ref.pdbx_align_begin           182 
_struct_ref.pdbx_db_isoform            ? 
# 
_struct_ref_seq.align_id                      1 
_struct_ref_seq.ref_id                        1 
_struct_ref_seq.pdbx_PDB_id_code              2JSB 
_struct_ref_seq.pdbx_strand_id                A 
_struct_ref_seq.seq_align_beg                 1 
_struct_ref_seq.pdbx_seq_align_beg_ins_code   ? 
_struct_ref_seq.seq_align_end                 21 
_struct_ref_seq.pdbx_seq_align_end_ins_code   ? 
_struct_ref_seq.pdbx_db_accession             Q5SC60 
_struct_ref_seq.db_align_beg                  182 
_struct_ref_seq.pdbx_db_align_beg_ins_code    ? 
_struct_ref_seq.db_align_end                  202 
_struct_ref_seq.pdbx_db_align_end_ins_code    ? 
_struct_ref_seq.pdbx_auth_seq_align_beg       1 
_struct_ref_seq.pdbx_auth_seq_align_end       21 
# 
_pdbx_struct_assembly.id                   1 
_pdbx_struct_assembly.details              author_defined_assembly 
_pdbx_struct_assembly.method_details       ? 
_pdbx_struct_assembly.oligomeric_details   monomeric 
_pdbx_struct_assembly.oligomeric_count     1 
# 
_pdbx_struct_assembly_gen.assembly_id       1 
_pdbx_struct_assembly_gen.oper_expression   1 
_pdbx_struct_assembly_gen.asym_id_list      A 
# 
_pdbx_struct_oper_list.id                   1 
_pdbx_struct_oper_list.type                 'identity operation' 
_pdbx_struct_oper_list.name                 1_555 
_pdbx_struct_oper_list.symmetry_operation   ? 
_pdbx_struct_oper_list.matrix[1][1]         1.0000000000 
_pdbx_struct_oper_list.matrix[1][2]         0.0000000000 
_pdbx_struct_oper_list.matrix[1][3]         0.0000000000 
_pdbx_struct_oper_list.vector[1]            0.0000000000 
_pdbx_struct_oper_list.matrix[2][1]         0.0000000000 
_pdbx_struct_oper_list.matrix[2][2]         1.0000000000 
_pdbx_struct_oper_list.matrix[2][3]         0.0000000000 
_pdbx_struct_oper_list.vector[2]            0.0000000000 
_pdbx_struct_oper_list.matrix[3][1]         0.0000000000 
_pdbx_struct_oper_list.matrix[3][2]         0.0000000000 
_pdbx_struct_oper_list.matrix[3][3]         1.0000000000 
_pdbx_struct_oper_list.vector[3]            0.0000000000 
# 
_struct_conn.id                            disulf1 
_struct_conn.conn_type_id                  disulf 
_struct_conn.pdbx_leaving_atom_flag        ? 
_struct_conn.pdbx_PDB_id                   ? 
_struct_conn.ptnr1_label_asym_id           A 
_struct_conn.ptnr1_label_comp_id           CYS 
_struct_conn.ptnr1_label_seq_id            3 
_struct_conn.ptnr1_label_atom_id           SG 
_struct_conn.pdbx_ptnr1_label_alt_id       ? 
_struct_conn.pdbx_ptnr1_PDB_ins_code       ? 
_struct_conn.pdbx_ptnr1_standard_comp_id   ? 
_struct_conn.ptnr1_symmetry                1_555 
_struct_conn.ptnr2_label_asym_id           A 
_struct_conn.ptnr2_label_comp_id           CYS 
_struct_conn.ptnr2_label_seq_id            20 
_struct_conn.ptnr2_label_atom_id           SG 
_struct_conn.pdbx_ptnr2_label_alt_id       ? 
_struct_conn.pdbx_ptnr2_PDB_ins_code       ? 
_struct_conn.ptnr1_auth_asym_id            A 
_struct_conn.ptnr1_auth_comp_id            CYS 
_struct_conn.ptnr1_auth_seq_id             3 
_struct_conn.ptnr2_auth_asym_id            A 
_struct_conn.ptnr2_auth_comp_id            CYS 
_struct_conn.ptnr2_auth_seq_id             20 
_struct_conn.ptnr2_symmetry                1_555 
_struct_conn.pdbx_ptnr3_label_atom_id      ? 
_struct_conn.pdbx_ptnr3_label_seq_id       ? 
_struct_conn.pdbx_ptnr3_label_comp_id      ? 
_struct_conn.pdbx_ptnr3_label_asym_id      ? 
_struct_conn.pdbx_ptnr3_label_alt_id       ? 
_struct_conn.pdbx_ptnr3_PDB_ins_code       ? 
_struct_conn.details                       ? 
_struct_conn.pdbx_dist_value               2.036 
_struct_conn.pdbx_value_order              ? 
_struct_conn.pdbx_role                     ? 
# 
_struct_conn_type.id          disulf 
_struct_conn_type.criteria    ? 
_struct_conn_type.reference   ? 
# 
_pdbx_modification_feature.ordinal                            1 
_pdbx_modification_feature.label_comp_id                      CYS 
_pdbx_modification_feature.label_asym_id                      A 
_pdbx_modification_feature.label_seq_id                       3 
_pdbx_modification_feature.label_alt_id                       ? 
_pdbx_modification_feature.modified_residue_label_comp_id     CYS 
_pdbx_modification_feature.modified_residue_label_asym_id     A 
_pdbx_modification_feature.modified_residue_label_seq_id      20 
_pdbx_modification_feature.modified_residue_label_alt_id      ? 
_pdbx_modification_feature.auth_comp_id                       CYS 
_pdbx_modification_feature.auth_asym_id                       A 
_pdbx_modification_feature.auth_seq_id                        3 
_pdbx_modification_feature.PDB_ins_code                       ? 
_pdbx_modification_feature.symmetry                           1_555 
_pdbx_modification_feature.modified_residue_auth_comp_id      CYS 
_pdbx_modification_feature.modified_residue_auth_asym_id      A 
_pdbx_modification_feature.modified_residue_auth_seq_id       20 
_pdbx_modification_feature.modified_residue_PDB_ins_code      ? 
_pdbx_modification_feature.modified_residue_symmetry          1_555 
_pdbx_modification_feature.comp_id_linking_atom               SG 
_pdbx_modification_feature.modified_residue_id_linking_atom   SG 
_pdbx_modification_feature.modified_residue_id                . 
_pdbx_modification_feature.ref_pcm_id                         . 
_pdbx_modification_feature.ref_comp_id                        . 
_pdbx_modification_feature.type                               None 
_pdbx_modification_feature.category                           'Disulfide bridge' 
# 
_struct_sheet.id               A 
_struct_sheet.type             ? 
_struct_sheet.number_strands   2 
_struct_sheet.details          ? 
# 
_struct_sheet_order.sheet_id     A 
_struct_sheet_order.range_id_1   1 
_struct_sheet_order.range_id_2   2 
_struct_sheet_order.offset       ? 
_struct_sheet_order.sense        anti-parallel 
# 
loop_
_struct_sheet_range.sheet_id 
_struct_sheet_range.id 
_struct_sheet_range.beg_label_comp_id 
_struct_sheet_range.beg_label_asym_id 
_struct_sheet_range.beg_label_seq_id 
_struct_sheet_range.pdbx_beg_PDB_ins_code 
_struct_sheet_range.end_label_comp_id 
_struct_sheet_range.end_label_asym_id 
_struct_sheet_range.end_label_seq_id 
_struct_sheet_range.pdbx_end_PDB_ins_code 
_struct_sheet_range.beg_auth_comp_id 
_struct_sheet_range.beg_auth_asym_id 
_struct_sheet_range.beg_auth_seq_id 
_struct_sheet_range.end_auth_comp_id 
_struct_sheet_range.end_auth_asym_id 
_struct_sheet_range.end_auth_seq_id 
A 1 TRP A 2  ? VAL A 10 ? TRP A 2  VAL A 10 
A 2 VAL A 13 ? TRP A 21 ? VAL A 13 TRP A 21 
# 
_pdbx_struct_sheet_hbond.sheet_id                A 
_pdbx_struct_sheet_hbond.range_id_1              1 
_pdbx_struct_sheet_hbond.range_id_2              2 
_pdbx_struct_sheet_hbond.range_1_label_atom_id   N 
_pdbx_struct_sheet_hbond.range_1_label_comp_id   VAL 
_pdbx_struct_sheet_hbond.range_1_label_asym_id   A 
_pdbx_struct_sheet_hbond.range_1_label_seq_id    8 
_pdbx_struct_sheet_hbond.range_1_PDB_ins_code    ? 
_pdbx_struct_sheet_hbond.range_1_auth_atom_id    N 
_pdbx_struct_sheet_hbond.range_1_auth_comp_id    VAL 
_pdbx_struct_sheet_hbond.range_1_auth_asym_id    A 
_pdbx_struct_sheet_hbond.range_1_auth_seq_id     8 
_pdbx_struct_sheet_hbond.range_2_label_atom_id   O 
_pdbx_struct_sheet_hbond.range_2_label_comp_id   VAL 
_pdbx_struct_sheet_hbond.range_2_label_asym_id   A 
_pdbx_struct_sheet_hbond.range_2_label_seq_id    15 
_pdbx_struct_sheet_hbond.range_2_PDB_ins_code    ? 
_pdbx_struct_sheet_hbond.range_2_auth_atom_id    O 
_pdbx_struct_sheet_hbond.range_2_auth_comp_id    VAL 
_pdbx_struct_sheet_hbond.range_2_auth_asym_id    A 
_pdbx_struct_sheet_hbond.range_2_auth_seq_id     15 
# 
_pdbx_entry_details.entry_id                   2JSB 
_pdbx_entry_details.compound_details           ? 
_pdbx_entry_details.source_details             ? 
_pdbx_entry_details.nonpolymer_details         ? 
_pdbx_entry_details.sequence_details           ? 
_pdbx_entry_details.has_ligand_of_interest     ? 
_pdbx_entry_details.has_protein_modification   Y 
# 
_pdbx_validate_rmsd_angle.id                         1 
_pdbx_validate_rmsd_angle.PDB_model_num              1 
_pdbx_validate_rmsd_angle.auth_atom_id_1             CB 
_pdbx_validate_rmsd_angle.auth_asym_id_1             A 
_pdbx_validate_rmsd_angle.auth_comp_id_1             TYR 
_pdbx_validate_rmsd_angle.auth_seq_id_1              17 
_pdbx_validate_rmsd_angle.PDB_ins_code_1             ? 
_pdbx_validate_rmsd_angle.label_alt_id_1             ? 
_pdbx_validate_rmsd_angle.auth_atom_id_2             CG 
_pdbx_validate_rmsd_angle.auth_asym_id_2             A 
_pdbx_validate_rmsd_angle.auth_comp_id_2             TYR 
_pdbx_validate_rmsd_angle.auth_seq_id_2              17 
_pdbx_validate_rmsd_angle.PDB_ins_code_2             ? 
_pdbx_validate_rmsd_angle.label_alt_id_2             ? 
_pdbx_validate_rmsd_angle.auth_atom_id_3             CD2 
_pdbx_validate_rmsd_angle.auth_asym_id_3             A 
_pdbx_validate_rmsd_angle.auth_comp_id_3             TYR 
_pdbx_validate_rmsd_angle.auth_seq_id_3              17 
_pdbx_validate_rmsd_angle.PDB_ins_code_3             ? 
_pdbx_validate_rmsd_angle.label_alt_id_3             ? 
_pdbx_validate_rmsd_angle.angle_value                116.53 
_pdbx_validate_rmsd_angle.angle_target_value         121.00 
_pdbx_validate_rmsd_angle.angle_deviation            -4.47 
_pdbx_validate_rmsd_angle.angle_standard_deviation   0.60 
_pdbx_validate_rmsd_angle.linker_flag                N 
# 
loop_
_pdbx_validate_torsion.id 
_pdbx_validate_torsion.PDB_model_num 
_pdbx_validate_torsion.auth_comp_id 
_pdbx_validate_torsion.auth_asym_id 
_pdbx_validate_torsion.auth_seq_id 
_pdbx_validate_torsion.PDB_ins_code 
_pdbx_validate_torsion.label_alt_id 
_pdbx_validate_torsion.phi 
_pdbx_validate_torsion.psi 
1 1 ALA A 6  ? ? -176.94 -176.59 
2 1 VAL A 8  ? ? -59.28  -178.87 
3 1 ARG A 9  ? ? -152.87 82.39   
4 1 ARG A 16 ? ? -39.56  132.97  
5 1 TYR A 17 ? ? -162.85 -160.69 
# 
loop_
_pdbx_validate_planes.id 
_pdbx_validate_planes.PDB_model_num 
_pdbx_validate_planes.auth_comp_id 
_pdbx_validate_planes.auth_asym_id 
_pdbx_validate_planes.auth_seq_id 
_pdbx_validate_planes.PDB_ins_code 
_pdbx_validate_planes.label_alt_id 
_pdbx_validate_planes.rmsd 
_pdbx_validate_planes.type 
1 1 TYR A 5  ? ? 0.075 'SIDE CHAIN' 
2 1 TYR A 17 ? ? 0.075 'SIDE CHAIN' 
# 
_pdbx_nmr_ensemble.average_constraint_violations_per_residue     ? 
_pdbx_nmr_ensemble.average_constraints_per_residue               ? 
_pdbx_nmr_ensemble.average_distance_constraint_violation         ? 
_pdbx_nmr_ensemble.average_torsion_angle_constraint_violation    ? 
_pdbx_nmr_ensemble.conformer_selection_criteria                  'target function' 
_pdbx_nmr_ensemble.conformers_calculated_total_number            500 
_pdbx_nmr_ensemble.conformers_submitted_total_number             1 
_pdbx_nmr_ensemble.distance_constraint_violation_method          ? 
_pdbx_nmr_ensemble.entry_id                                      2JSB 
_pdbx_nmr_ensemble.maximum_distance_constraint_violation         ? 
_pdbx_nmr_ensemble.maximum_lower_distance_constraint_violation   ? 
_pdbx_nmr_ensemble.maximum_torsion_angle_constraint_violation    ? 
_pdbx_nmr_ensemble.maximum_upper_distance_constraint_violation   ? 
_pdbx_nmr_ensemble.torsion_angle_constraint_violation_method     ? 
# 
_pdbx_nmr_representative.conformer_id         1 
_pdbx_nmr_representative.entry_id             2JSB 
_pdbx_nmr_representative.selection_criteria   'minimized average structure' 
# 
_pdbx_nmr_sample_details.contents         '1.8 mg/mL peptide, 2 % [U-2H] acetic acid, 90% H2O/10% D2O' 
_pdbx_nmr_sample_details.solution_id      1 
_pdbx_nmr_sample_details.solvent_system   '90% H2O/10% D2O' 
# 
loop_
_pdbx_nmr_exptl_sample.component 
_pdbx_nmr_exptl_sample.concentration 
_pdbx_nmr_exptl_sample.concentration_units 
_pdbx_nmr_exptl_sample.isotopic_labeling 
_pdbx_nmr_exptl_sample.solution_id 
entity        1.8 mg/mL ?        1 
'acetic acid' 2   %     '[U-2H]' 1 
# 
_pdbx_nmr_exptl_sample_conditions.conditions_id       1 
_pdbx_nmr_exptl_sample_conditions.ionic_strength      ? 
_pdbx_nmr_exptl_sample_conditions.pH                  3.5 
_pdbx_nmr_exptl_sample_conditions.pressure            ambient 
_pdbx_nmr_exptl_sample_conditions.pressure_units      ? 
_pdbx_nmr_exptl_sample_conditions.temperature         283 
_pdbx_nmr_exptl_sample_conditions.temperature_units   K 
# 
loop_
_pdbx_nmr_exptl.conditions_id 
_pdbx_nmr_exptl.experiment_id 
_pdbx_nmr_exptl.solution_id 
_pdbx_nmr_exptl.type 
1 1 1 '2D 1H-1H TOCSY' 
1 2 1 '2D 1H-1H NOESY' 
# 
_pdbx_nmr_refine.entry_id           2JSB 
_pdbx_nmr_refine.method             'simulated annealing' 
_pdbx_nmr_refine.details            ? 
_pdbx_nmr_refine.software_ordinal   1 
# 
loop_
_pdbx_nmr_software.authors 
_pdbx_nmr_software.classification 
_pdbx_nmr_software.name 
_pdbx_nmr_software.version 
_pdbx_nmr_software.ordinal 
'Delaglio, Grzesiek, Vuister, Zhu, Pfeifer and Bax' processing                  NMRPipe ? 1 
'Johnson, One Moon Scientific'                      'chemical shift assignment' NMRView ? 2 
'Guntert, Mumenthaler and Wuthrich'                 'structure solution'        CYANA   ? 3 
'Guntert, Mumenthaler and Wuthrich'                 refinement                  CYANA   ? 4 
# 
loop_
_chem_comp_atom.comp_id 
_chem_comp_atom.atom_id 
_chem_comp_atom.type_symbol 
_chem_comp_atom.pdbx_aromatic_flag 
_chem_comp_atom.pdbx_stereo_config 
_chem_comp_atom.pdbx_ordinal 
ALA N    N N N 1   
ALA CA   C N S 2   
ALA C    C N N 3   
ALA O    O N N 4   
ALA CB   C N N 5   
ALA OXT  O N N 6   
ALA H    H N N 7   
ALA H2   H N N 8   
ALA HA   H N N 9   
ALA HB1  H N N 10  
ALA HB2  H N N 11  
ALA HB3  H N N 12  
ALA HXT  H N N 13  
ARG N    N N N 14  
ARG CA   C N S 15  
ARG C    C N N 16  
ARG O    O N N 17  
ARG CB   C N N 18  
ARG CG   C N N 19  
ARG CD   C N N 20  
ARG NE   N N N 21  
ARG CZ   C N N 22  
ARG NH1  N N N 23  
ARG NH2  N N N 24  
ARG OXT  O N N 25  
ARG H    H N N 26  
ARG H2   H N N 27  
ARG HA   H N N 28  
ARG HB2  H N N 29  
ARG HB3  H N N 30  
ARG HG2  H N N 31  
ARG HG3  H N N 32  
ARG HD2  H N N 33  
ARG HD3  H N N 34  
ARG HE   H N N 35  
ARG HH11 H N N 36  
ARG HH12 H N N 37  
ARG HH21 H N N 38  
ARG HH22 H N N 39  
ARG HXT  H N N 40  
CYS N    N N N 41  
CYS CA   C N R 42  
CYS C    C N N 43  
CYS O    O N N 44  
CYS CB   C N N 45  
CYS SG   S N N 46  
CYS OXT  O N N 47  
CYS H    H N N 48  
CYS H2   H N N 49  
CYS HA   H N N 50  
CYS HB2  H N N 51  
CYS HB3  H N N 52  
CYS HG   H N N 53  
CYS HXT  H N N 54  
GLY N    N N N 55  
GLY CA   C N N 56  
GLY C    C N N 57  
GLY O    O N N 58  
GLY OXT  O N N 59  
GLY H    H N N 60  
GLY H2   H N N 61  
GLY HA2  H N N 62  
GLY HA3  H N N 63  
GLY HXT  H N N 64  
LEU N    N N N 65  
LEU CA   C N S 66  
LEU C    C N N 67  
LEU O    O N N 68  
LEU CB   C N N 69  
LEU CG   C N N 70  
LEU CD1  C N N 71  
LEU CD2  C N N 72  
LEU OXT  O N N 73  
LEU H    H N N 74  
LEU H2   H N N 75  
LEU HA   H N N 76  
LEU HB2  H N N 77  
LEU HB3  H N N 78  
LEU HG   H N N 79  
LEU HD11 H N N 80  
LEU HD12 H N N 81  
LEU HD13 H N N 82  
LEU HD21 H N N 83  
LEU HD22 H N N 84  
LEU HD23 H N N 85  
LEU HXT  H N N 86  
TRP N    N N N 87  
TRP CA   C N S 88  
TRP C    C N N 89  
TRP O    O N N 90  
TRP CB   C N N 91  
TRP CG   C Y N 92  
TRP CD1  C Y N 93  
TRP CD2  C Y N 94  
TRP NE1  N Y N 95  
TRP CE2  C Y N 96  
TRP CE3  C Y N 97  
TRP CZ2  C Y N 98  
TRP CZ3  C Y N 99  
TRP CH2  C Y N 100 
TRP OXT  O N N 101 
TRP H    H N N 102 
TRP H2   H N N 103 
TRP HA   H N N 104 
TRP HB2  H N N 105 
TRP HB3  H N N 106 
TRP HD1  H N N 107 
TRP HE1  H N N 108 
TRP HE3  H N N 109 
TRP HZ2  H N N 110 
TRP HZ3  H N N 111 
TRP HH2  H N N 112 
TRP HXT  H N N 113 
TYR N    N N N 114 
TYR CA   C N S 115 
TYR C    C N N 116 
TYR O    O N N 117 
TYR CB   C N N 118 
TYR CG   C Y N 119 
TYR CD1  C Y N 120 
TYR CD2  C Y N 121 
TYR CE1  C Y N 122 
TYR CE2  C Y N 123 
TYR CZ   C Y N 124 
TYR OH   O N N 125 
TYR OXT  O N N 126 
TYR H    H N N 127 
TYR H2   H N N 128 
TYR HA   H N N 129 
TYR HB2  H N N 130 
TYR HB3  H N N 131 
TYR HD1  H N N 132 
TYR HD2  H N N 133 
TYR HE1  H N N 134 
TYR HE2  H N N 135 
TYR HH   H N N 136 
TYR HXT  H N N 137 
VAL N    N N N 138 
VAL CA   C N S 139 
VAL C    C N N 140 
VAL O    O N N 141 
VAL CB   C N N 142 
VAL CG1  C N N 143 
VAL CG2  C N N 144 
VAL OXT  O N N 145 
VAL H    H N N 146 
VAL H2   H N N 147 
VAL HA   H N N 148 
VAL HB   H N N 149 
VAL HG11 H N N 150 
VAL HG12 H N N 151 
VAL HG13 H N N 152 
VAL HG21 H N N 153 
VAL HG22 H N N 154 
VAL HG23 H N N 155 
VAL HXT  H N N 156 
# 
loop_
_chem_comp_bond.comp_id 
_chem_comp_bond.atom_id_1 
_chem_comp_bond.atom_id_2 
_chem_comp_bond.value_order 
_chem_comp_bond.pdbx_aromatic_flag 
_chem_comp_bond.pdbx_stereo_config 
_chem_comp_bond.pdbx_ordinal 
ALA N   CA   sing N N 1   
ALA N   H    sing N N 2   
ALA N   H2   sing N N 3   
ALA CA  C    sing N N 4   
ALA CA  CB   sing N N 5   
ALA CA  HA   sing N N 6   
ALA C   O    doub N N 7   
ALA C   OXT  sing N N 8   
ALA CB  HB1  sing N N 9   
ALA CB  HB2  sing N N 10  
ALA CB  HB3  sing N N 11  
ALA OXT HXT  sing N N 12  
ARG N   CA   sing N N 13  
ARG N   H    sing N N 14  
ARG N   H2   sing N N 15  
ARG CA  C    sing N N 16  
ARG CA  CB   sing N N 17  
ARG CA  HA   sing N N 18  
ARG C   O    doub N N 19  
ARG C   OXT  sing N N 20  
ARG CB  CG   sing N N 21  
ARG CB  HB2  sing N N 22  
ARG CB  HB3  sing N N 23  
ARG CG  CD   sing N N 24  
ARG CG  HG2  sing N N 25  
ARG CG  HG3  sing N N 26  
ARG CD  NE   sing N N 27  
ARG CD  HD2  sing N N 28  
ARG CD  HD3  sing N N 29  
ARG NE  CZ   sing N N 30  
ARG NE  HE   sing N N 31  
ARG CZ  NH1  sing N N 32  
ARG CZ  NH2  doub N N 33  
ARG NH1 HH11 sing N N 34  
ARG NH1 HH12 sing N N 35  
ARG NH2 HH21 sing N N 36  
ARG NH2 HH22 sing N N 37  
ARG OXT HXT  sing N N 38  
CYS N   CA   sing N N 39  
CYS N   H    sing N N 40  
CYS N   H2   sing N N 41  
CYS CA  C    sing N N 42  
CYS CA  CB   sing N N 43  
CYS CA  HA   sing N N 44  
CYS C   O    doub N N 45  
CYS C   OXT  sing N N 46  
CYS CB  SG   sing N N 47  
CYS CB  HB2  sing N N 48  
CYS CB  HB3  sing N N 49  
CYS SG  HG   sing N N 50  
CYS OXT HXT  sing N N 51  
GLY N   CA   sing N N 52  
GLY N   H    sing N N 53  
GLY N   H2   sing N N 54  
GLY CA  C    sing N N 55  
GLY CA  HA2  sing N N 56  
GLY CA  HA3  sing N N 57  
GLY C   O    doub N N 58  
GLY C   OXT  sing N N 59  
GLY OXT HXT  sing N N 60  
LEU N   CA   sing N N 61  
LEU N   H    sing N N 62  
LEU N   H2   sing N N 63  
LEU CA  C    sing N N 64  
LEU CA  CB   sing N N 65  
LEU CA  HA   sing N N 66  
LEU C   O    doub N N 67  
LEU C   OXT  sing N N 68  
LEU CB  CG   sing N N 69  
LEU CB  HB2  sing N N 70  
LEU CB  HB3  sing N N 71  
LEU CG  CD1  sing N N 72  
LEU CG  CD2  sing N N 73  
LEU CG  HG   sing N N 74  
LEU CD1 HD11 sing N N 75  
LEU CD1 HD12 sing N N 76  
LEU CD1 HD13 sing N N 77  
LEU CD2 HD21 sing N N 78  
LEU CD2 HD22 sing N N 79  
LEU CD2 HD23 sing N N 80  
LEU OXT HXT  sing N N 81  
TRP N   CA   sing N N 82  
TRP N   H    sing N N 83  
TRP N   H2   sing N N 84  
TRP CA  C    sing N N 85  
TRP CA  CB   sing N N 86  
TRP CA  HA   sing N N 87  
TRP C   O    doub N N 88  
TRP C   OXT  sing N N 89  
TRP CB  CG   sing N N 90  
TRP CB  HB2  sing N N 91  
TRP CB  HB3  sing N N 92  
TRP CG  CD1  doub Y N 93  
TRP CG  CD2  sing Y N 94  
TRP CD1 NE1  sing Y N 95  
TRP CD1 HD1  sing N N 96  
TRP CD2 CE2  doub Y N 97  
TRP CD2 CE3  sing Y N 98  
TRP NE1 CE2  sing Y N 99  
TRP NE1 HE1  sing N N 100 
TRP CE2 CZ2  sing Y N 101 
TRP CE3 CZ3  doub Y N 102 
TRP CE3 HE3  sing N N 103 
TRP CZ2 CH2  doub Y N 104 
TRP CZ2 HZ2  sing N N 105 
TRP CZ3 CH2  sing Y N 106 
TRP CZ3 HZ3  sing N N 107 
TRP CH2 HH2  sing N N 108 
TRP OXT HXT  sing N N 109 
TYR N   CA   sing N N 110 
TYR N   H    sing N N 111 
TYR N   H2   sing N N 112 
TYR CA  C    sing N N 113 
TYR CA  CB   sing N N 114 
TYR CA  HA   sing N N 115 
TYR C   O    doub N N 116 
TYR C   OXT  sing N N 117 
TYR CB  CG   sing N N 118 
TYR CB  HB2  sing N N 119 
TYR CB  HB3  sing N N 120 
TYR CG  CD1  doub Y N 121 
TYR CG  CD2  sing Y N 122 
TYR CD1 CE1  sing Y N 123 
TYR CD1 HD1  sing N N 124 
TYR CD2 CE2  doub Y N 125 
TYR CD2 HD2  sing N N 126 
TYR CE1 CZ   doub Y N 127 
TYR CE1 HE1  sing N N 128 
TYR CE2 CZ   sing Y N 129 
TYR CE2 HE2  sing N N 130 
TYR CZ  OH   sing N N 131 
TYR OH  HH   sing N N 132 
TYR OXT HXT  sing N N 133 
VAL N   CA   sing N N 134 
VAL N   H    sing N N 135 
VAL N   H2   sing N N 136 
VAL CA  C    sing N N 137 
VAL CA  CB   sing N N 138 
VAL CA  HA   sing N N 139 
VAL C   O    doub N N 140 
VAL C   OXT  sing N N 141 
VAL CB  CG1  sing N N 142 
VAL CB  CG2  sing N N 143 
VAL CB  HB   sing N N 144 
VAL CG1 HG11 sing N N 145 
VAL CG1 HG12 sing N N 146 
VAL CG1 HG13 sing N N 147 
VAL CG2 HG21 sing N N 148 
VAL CG2 HG22 sing N N 149 
VAL CG2 HG23 sing N N 150 
VAL OXT HXT  sing N N 151 
# 
_pdbx_nmr_spectrometer.field_strength    600 
_pdbx_nmr_spectrometer.manufacturer      Varian 
_pdbx_nmr_spectrometer.model             INOVA 
_pdbx_nmr_spectrometer.spectrometer_id   1 
_pdbx_nmr_spectrometer.type              'Varian INOVA' 
# 
_atom_sites.entry_id                    2JSB 
_atom_sites.fract_transf_matrix[1][1]   1.000000 
_atom_sites.fract_transf_matrix[1][2]   0.000000 
_atom_sites.fract_transf_matrix[1][3]   0.000000 
_atom_sites.fract_transf_matrix[2][1]   0.000000 
_atom_sites.fract_transf_matrix[2][2]   1.000000 
_atom_sites.fract_transf_matrix[2][3]   0.000000 
_atom_sites.fract_transf_matrix[3][1]   0.000000 
_atom_sites.fract_transf_matrix[3][2]   0.000000 
_atom_sites.fract_transf_matrix[3][3]   1.000000 
_atom_sites.fract_transf_vector[1]      0.00000 
_atom_sites.fract_transf_vector[2]      0.00000 
_atom_sites.fract_transf_vector[3]      0.00000 
# 
loop_
_atom_type.symbol 
C 
N 
O 
S 
# 
loop_
_atom_site.group_PDB 
_atom_site.id 
_atom_site.type_symbol 
_atom_site.label_atom_id 
_atom_site.label_alt_id 
_atom_site.label_comp_id 
_atom_site.label_asym_id 
_atom_site.label_entity_id 
_atom_site.label_seq_id 
_atom_site.pdbx_PDB_ins_code 
_atom_site.Cartn_x 
_atom_site.Cartn_y 
_atom_site.Cartn_z 
_atom_site.occupancy 
_atom_site.B_iso_or_equiv 
_atom_site.pdbx_formal_charge 
_atom_site.auth_seq_id 
_atom_site.auth_comp_id 
_atom_site.auth_asym_id 
_atom_site.auth_atom_id 
_atom_site.pdbx_PDB_model_num 
ATOM 1   N N   . ARG A 1 1  ? -0.061  4.653   15.256  1.00 12.00 ? 1  ARG A N   1 
ATOM 2   C CA  . ARG A 1 1  ? -0.094  3.819   14.035  1.00 12.00 ? 1  ARG A CA  1 
ATOM 3   C C   . ARG A 1 1  ? -1.514  3.375   13.655  1.00 12.00 ? 1  ARG A C   1 
ATOM 4   O O   . ARG A 1 1  ? -2.367  3.123   14.504  1.00 12.00 ? 1  ARG A O   1 
ATOM 5   C CB  . ARG A 1 1  ? 0.795   2.592   14.233  1.00 12.00 ? 1  ARG A CB  1 
ATOM 6   C CG  . ARG A 1 1  ? 2.241   2.861   13.810  1.00 12.00 ? 1  ARG A CG  1 
ATOM 7   C CD  . ARG A 1 1  ? 3.157   1.923   14.588  1.00 12.00 ? 1  ARG A CD  1 
ATOM 8   N NE  . ARG A 1 1  ? 4.390   1.644   13.852  1.00 12.00 ? 1  ARG A NE  1 
ATOM 9   C CZ  . ARG A 1 1  ? 5.231   0.642   14.133  1.00 12.00 ? 1  ARG A CZ  1 
ATOM 10  N NH1 . ARG A 1 1  ? 4.997   -0.179  15.158  1.00 12.00 ? 1  ARG A NH1 1 
ATOM 11  N NH2 . ARG A 1 1  ? 6.282   0.405   13.372  1.00 12.00 ? 1  ARG A NH2 1 
ATOM 12  N N   . TRP A 1 2  ? -1.731  3.337   12.341  1.00 12.00 ? 2  TRP A N   1 
ATOM 13  C CA  . TRP A 1 2  ? -3.007  2.927   11.744  1.00 12.00 ? 2  TRP A CA  1 
ATOM 14  C C   . TRP A 1 2  ? -2.795  2.555   10.278  1.00 12.00 ? 2  TRP A C   1 
ATOM 15  O O   . TRP A 1 2  ? -1.709  2.759   9.723   1.00 12.00 ? 2  TRP A O   1 
ATOM 16  C CB  . TRP A 1 2  ? -4.048  4.051   11.905  1.00 12.00 ? 2  TRP A CB  1 
ATOM 17  C CG  . TRP A 1 2  ? -5.499  3.555   11.759  1.00 12.00 ? 2  TRP A CG  1 
ATOM 18  C CD1 . TRP A 1 2  ? -6.374  4.043   10.896  1.00 12.00 ? 2  TRP A CD1 1 
ATOM 19  C CD2 . TRP A 1 2  ? -6.153  2.554   12.484  1.00 12.00 ? 2  TRP A CD2 1 
ATOM 20  N NE1 . TRP A 1 2  ? -7.539  3.414   11.003  1.00 12.00 ? 2  TRP A NE1 1 
ATOM 21  C CE2 . TRP A 1 2  ? -7.454  2.489   11.955  1.00 12.00 ? 2  TRP A CE2 1 
ATOM 22  C CE3 . TRP A 1 2  ? -5.771  1.695   13.539  1.00 12.00 ? 2  TRP A CE3 1 
ATOM 23  C CZ2 . TRP A 1 2  ? -8.389  1.568   12.455  1.00 12.00 ? 2  TRP A CZ2 1 
ATOM 24  C CZ3 . TRP A 1 2  ? -6.698  0.762   14.037  1.00 12.00 ? 2  TRP A CZ3 1 
ATOM 25  C CH2 . TRP A 1 2  ? -8.001  0.705   13.503  1.00 12.00 ? 2  TRP A CH2 1 
ATOM 26  N N   . CYS A 1 3  ? -3.743  1.776   9.763   1.00 12.00 ? 3  CYS A N   1 
ATOM 27  C CA  . CYS A 1 3  ? -3.725  1.309   8.367   1.00 12.00 ? 3  CYS A CA  1 
ATOM 28  C C   . CYS A 1 3  ? -4.932  1.912   7.654   1.00 12.00 ? 3  CYS A C   1 
ATOM 29  O O   . CYS A 1 3  ? -6.042  1.920   8.186   1.00 12.00 ? 3  CYS A O   1 
ATOM 30  C CB  . CYS A 1 3  ? -3.823  -0.206  8.311   1.00 12.00 ? 3  CYS A CB  1 
ATOM 31  S SG  . CYS A 1 3  ? -2.642  -1.096  9.385   1.00 12.00 ? 3  CYS A SG  1 
ATOM 32  N N   . VAL A 1 4  ? -4.640  2.537   6.514   1.00 12.00 ? 4  VAL A N   1 
ATOM 33  C CA  . VAL A 1 4  ? -5.680  3.170   5.679   1.00 12.00 ? 4  VAL A CA  1 
ATOM 34  C C   . VAL A 1 4  ? -5.394  2.848   4.202   1.00 12.00 ? 4  VAL A C   1 
ATOM 35  O O   . VAL A 1 4  ? -4.352  2.272   3.864   1.00 12.00 ? 4  VAL A O   1 
ATOM 36  C CB  . VAL A 1 4  ? -5.889  4.694   5.939   1.00 12.00 ? 4  VAL A CB  1 
ATOM 37  C CG1 . VAL A 1 4  ? -5.812  5.075   7.426   1.00 12.00 ? 4  VAL A CG1 1 
ATOM 38  C CG2 . VAL A 1 4  ? -4.962  5.632   5.168   1.00 12.00 ? 4  VAL A CG2 1 
ATOM 39  N N   . TYR A 1 5  ? -6.353  3.237   3.354   1.00 12.00 ? 5  TYR A N   1 
ATOM 40  C CA  . TYR A 1 5  ? -6.247  3.190   1.887   1.00 12.00 ? 5  TYR A CA  1 
ATOM 41  C C   . TYR A 1 5  ? -4.860  3.657   1.397   1.00 12.00 ? 5  TYR A C   1 
ATOM 42  O O   . TYR A 1 5  ? -4.260  4.548   1.990   1.00 12.00 ? 5  TYR A O   1 
ATOM 43  C CB  . TYR A 1 5  ? -7.314  4.118   1.310   1.00 12.00 ? 5  TYR A CB  1 
ATOM 44  C CG  . TYR A 1 5  ? -7.909  3.573   0.005   1.00 12.00 ? 5  TYR A CG  1 
ATOM 45  C CD1 . TYR A 1 5  ? -8.520  2.310   0.030   1.00 12.00 ? 5  TYR A CD1 1 
ATOM 46  C CD2 . TYR A 1 5  ? -7.937  4.404   -1.135  1.00 12.00 ? 5  TYR A CD2 1 
ATOM 47  C CE1 . TYR A 1 5  ? -9.189  1.847   -1.117  1.00 12.00 ? 5  TYR A CE1 1 
ATOM 48  C CE2 . TYR A 1 5  ? -8.612  3.941   -2.299  1.00 12.00 ? 5  TYR A CE2 1 
ATOM 49  C CZ  . TYR A 1 5  ? -9.239  2.672   -2.256  1.00 12.00 ? 5  TYR A CZ  1 
ATOM 50  O OH  . TYR A 1 5  ? -10.038 2.288   -3.282  1.00 12.00 ? 5  TYR A OH  1 
ATOM 51  N N   . ALA A 1 6  ? -4.375  2.980   0.360   1.00 12.00 ? 6  ALA A N   1 
ATOM 52  C CA  . ALA A 1 6  ? -3.039  3.196   -0.228  1.00 12.00 ? 6  ALA A CA  1 
ATOM 53  C C   . ALA A 1 6  ? -2.812  2.302   -1.466  1.00 12.00 ? 6  ALA A C   1 
ATOM 54  O O   . ALA A 1 6  ? -3.733  1.654   -1.960  1.00 12.00 ? 6  ALA A O   1 
ATOM 55  C CB  . ALA A 1 6  ? -1.945  2.919   0.825   1.00 12.00 ? 6  ALA A CB  1 
ATOM 56  N N   . TYR A 1 7  ? -1.603  2.386   -2.012  1.00 12.00 ? 7  TYR A N   1 
ATOM 57  C CA  . TYR A 1 7  ? -1.202  1.629   -3.210  1.00 12.00 ? 7  TYR A CA  1 
ATOM 58  C C   . TYR A 1 7  ? 0.131   0.908   -2.939  1.00 12.00 ? 7  TYR A C   1 
ATOM 59  O O   . TYR A 1 7  ? 1.116   1.578   -2.605  1.00 12.00 ? 7  TYR A O   1 
ATOM 60  C CB  . TYR A 1 7  ? -1.060  2.602   -4.394  1.00 12.00 ? 7  TYR A CB  1 
ATOM 61  C CG  . TYR A 1 7  ? -2.388  3.309   -4.745  1.00 12.00 ? 7  TYR A CG  1 
ATOM 62  C CD1 . TYR A 1 7  ? -3.268  2.668   -5.641  1.00 12.00 ? 7  TYR A CD1 1 
ATOM 63  C CD2 . TYR A 1 7  ? -2.683  4.572   -4.190  1.00 12.00 ? 7  TYR A CD2 1 
ATOM 64  C CE1 . TYR A 1 7  ? -4.485  3.287   -5.969  1.00 12.00 ? 7  TYR A CE1 1 
ATOM 65  C CE2 . TYR A 1 7  ? -3.910  5.195   -4.526  1.00 12.00 ? 7  TYR A CE2 1 
ATOM 66  C CZ  . TYR A 1 7  ? -4.791  4.541   -5.403  1.00 12.00 ? 7  TYR A CZ  1 
ATOM 67  O OH  . TYR A 1 7  ? -5.958  5.144   -5.741  1.00 12.00 ? 7  TYR A OH  1 
ATOM 68  N N   . VAL A 1 8  ? 0.111   -0.428  -2.924  1.00 12.00 ? 8  VAL A N   1 
ATOM 69  C CA  . VAL A 1 8  ? 1.323   -1.258  -2.747  1.00 12.00 ? 8  VAL A CA  1 
ATOM 70  C C   . VAL A 1 8  ? 2.315   -0.947  -3.866  1.00 12.00 ? 8  VAL A C   1 
ATOM 71  O O   . VAL A 1 8  ? 1.980   -0.234  -4.808  1.00 12.00 ? 8  VAL A O   1 
ATOM 72  C CB  . VAL A 1 8  ? 1.027   -2.789  -2.593  1.00 12.00 ? 8  VAL A CB  1 
ATOM 73  C CG1 . VAL A 1 8  ? 0.995   -3.639  -3.856  1.00 12.00 ? 8  VAL A CG1 1 
ATOM 74  C CG2 . VAL A 1 8  ? 2.043   -3.462  -1.678  1.00 12.00 ? 8  VAL A CG2 1 
ATOM 75  N N   . ARG A 1 9  ? 3.426   -1.654  -3.814  1.00 12.00 ? 9  ARG A N   1 
ATOM 76  C CA  . ARG A 1 9  ? 4.509   -1.569  -4.793  1.00 12.00 ? 9  ARG A CA  1 
ATOM 77  C C   . ARG A 1 9  ? 5.274   -2.881  -4.857  1.00 12.00 ? 9  ARG A C   1 
ATOM 78  O O   . ARG A 1 9  ? 6.285   -3.083  -4.179  1.00 12.00 ? 9  ARG A O   1 
ATOM 79  C CB  . ARG A 1 9  ? 5.459   -0.397  -4.485  1.00 12.00 ? 9  ARG A CB  1 
ATOM 80  C CG  . ARG A 1 9  ? 4.837   0.903   -4.989  1.00 12.00 ? 9  ARG A CG  1 
ATOM 81  C CD  . ARG A 1 9  ? 5.884   1.997   -5.198  1.00 12.00 ? 9  ARG A CD  1 
ATOM 82  N NE  . ARG A 1 9  ? 5.784   2.484   -6.588  1.00 12.00 ? 9  ARG A NE  1 
ATOM 83  C CZ  . ARG A 1 9  ? 4.750   3.124   -7.151  1.00 12.00 ? 9  ARG A CZ  1 
ATOM 84  N NH1 . ARG A 1 9  ? 3.626   3.394   -6.493  1.00 12.00 ? 9  ARG A NH1 1 
ATOM 85  N NH2 . ARG A 1 9  ? 4.830   3.489   -8.428  1.00 12.00 ? 9  ARG A NH2 1 
ATOM 86  N N   . VAL A 1 10 ? 4.718   -3.811  -5.622  1.00 12.00 ? 10 VAL A N   1 
ATOM 87  C CA  . VAL A 1 10 ? 5.368   -5.115  -5.831  1.00 12.00 ? 10 VAL A CA  1 
ATOM 88  C C   . VAL A 1 10 ? 5.910   -5.163  -7.265  1.00 12.00 ? 10 VAL A C   1 
ATOM 89  O O   . VAL A 1 10 ? 5.208   -4.822  -8.203  1.00 12.00 ? 10 VAL A O   1 
ATOM 90  C CB  . VAL A 1 10 ? 4.393   -6.272  -5.506  1.00 12.00 ? 10 VAL A CB  1 
ATOM 91  C CG1 . VAL A 1 10 ? 4.909   -7.651  -5.938  1.00 12.00 ? 10 VAL A CG1 1 
ATOM 92  C CG2 . VAL A 1 10 ? 4.128   -6.319  -3.998  1.00 12.00 ? 10 VAL A CG2 1 
ATOM 93  N N   . ARG A 1 11 ? 7.205   -5.458  -7.359  1.00 12.00 ? 11 ARG A N   1 
ATOM 94  C CA  . ARG A 1 11 ? 7.953   -5.578  -8.635  1.00 12.00 ? 11 ARG A CA  1 
ATOM 95  C C   . ARG A 1 11 ? 7.821   -4.329  -9.523  1.00 12.00 ? 11 ARG A C   1 
ATOM 96  O O   . ARG A 1 11 ? 7.416   -4.382  -10.684 1.00 12.00 ? 11 ARG A O   1 
ATOM 97  C CB  . ARG A 1 11 ? 7.524   -6.830  -9.422  1.00 12.00 ? 11 ARG A CB  1 
ATOM 98  C CG  . ARG A 1 11 ? 7.553   -8.117  -8.585  1.00 12.00 ? 11 ARG A CG  1 
ATOM 99  C CD  . ARG A 1 11 ? 7.864   -9.320  -9.467  1.00 12.00 ? 11 ARG A CD  1 
ATOM 100 N NE  . ARG A 1 11 ? 9.332   -9.398  -9.624  1.00 12.00 ? 11 ARG A NE  1 
ATOM 101 C CZ  . ARG A 1 11 ? 9.983   -10.262 -10.399 1.00 12.00 ? 11 ARG A CZ  1 
ATOM 102 N NH1 . ARG A 1 11 ? 9.344   -11.123 -11.173 1.00 12.00 ? 11 ARG A NH1 1 
ATOM 103 N NH2 . ARG A 1 11 ? 11.307  -10.308 -10.369 1.00 12.00 ? 11 ARG A NH2 1 
ATOM 104 N N   . GLY A 1 12 ? 8.098   -3.182  -8.905  1.00 12.00 ? 12 GLY A N   1 
ATOM 105 C CA  . GLY A 1 12 ? 7.925   -1.831  -9.507  1.00 12.00 ? 12 GLY A CA  1 
ATOM 106 C C   . GLY A 1 12 ? 6.556   -1.636  -10.190 1.00 12.00 ? 12 GLY A C   1 
ATOM 107 O O   . GLY A 1 12 ? 6.451   -0.912  -11.177 1.00 12.00 ? 12 GLY A O   1 
ATOM 108 N N   . VAL A 1 13 ? 5.544   -2.321  -9.671  1.00 12.00 ? 13 VAL A N   1 
ATOM 109 C CA  . VAL A 1 13 ? 4.166   -2.314  -10.169 1.00 12.00 ? 13 VAL A CA  1 
ATOM 110 C C   . VAL A 1 13 ? 3.278   -2.022  -8.963  1.00 12.00 ? 13 VAL A C   1 
ATOM 111 O O   . VAL A 1 13 ? 3.163   -2.817  -8.026  1.00 12.00 ? 13 VAL A O   1 
ATOM 112 C CB  . VAL A 1 13 ? 3.850   -3.668  -10.859 1.00 12.00 ? 13 VAL A CB  1 
ATOM 113 C CG1 . VAL A 1 13 ? 2.361   -3.985  -11.035 1.00 12.00 ? 13 VAL A CG1 1 
ATOM 114 C CG2 . VAL A 1 13 ? 4.551   -3.747  -12.223 1.00 12.00 ? 13 VAL A CG2 1 
ATOM 115 N N   . LEU A 1 14 ? 2.889   -0.752  -8.899  1.00 12.00 ? 14 LEU A N   1 
ATOM 116 C CA  . LEU A 1 14 ? 1.937   -0.293  -7.879  1.00 12.00 ? 14 LEU A CA  1 
ATOM 117 C C   . LEU A 1 14 ? 0.618   -1.067  -8.000  1.00 12.00 ? 14 LEU A C   1 
ATOM 118 O O   . LEU A 1 14 ? 0.186   -1.421  -9.104  1.00 12.00 ? 14 LEU A O   1 
ATOM 119 C CB  . LEU A 1 14 ? 1.705   1.228   -7.916  1.00 12.00 ? 14 LEU A CB  1 
ATOM 120 C CG  . LEU A 1 14 ? 0.778   1.693   -9.035  1.00 12.00 ? 14 LEU A CG  1 
ATOM 121 C CD1 . LEU A 1 14 ? -0.393  2.465   -8.436  1.00 12.00 ? 14 LEU A CD1 1 
ATOM 122 C CD2 . LEU A 1 14 ? 1.534   2.510   -10.085 1.00 12.00 ? 14 LEU A CD2 1 
ATOM 123 N N   . VAL A 1 15 ? 0.095   -1.458  -6.852  1.00 12.00 ? 15 VAL A N   1 
ATOM 124 C CA  . VAL A 1 15 ? -1.145  -2.263  -6.829  1.00 12.00 ? 15 VAL A CA  1 
ATOM 125 C C   . VAL A 1 15 ? -1.947  -1.864  -5.590  1.00 12.00 ? 15 VAL A C   1 
ATOM 126 O O   . VAL A 1 15 ? -1.481  -2.003  -4.467  1.00 12.00 ? 15 VAL A O   1 
ATOM 127 C CB  . VAL A 1 15 ? -0.911  -3.795  -6.811  1.00 12.00 ? 15 VAL A CB  1 
ATOM 128 C CG1 . VAL A 1 15 ? -1.969  -4.460  -7.686  1.00 12.00 ? 15 VAL A CG1 1 
ATOM 129 C CG2 . VAL A 1 15 ? 0.460   -4.294  -7.288  1.00 12.00 ? 15 VAL A CG2 1 
ATOM 130 N N   . ARG A 1 16 ? -3.112  -1.243  -5.807  1.00 12.00 ? 16 ARG A N   1 
ATOM 131 C CA  . ARG A 1 16 ? -3.987  -0.785  -4.709  1.00 12.00 ? 16 ARG A CA  1 
ATOM 132 C C   . ARG A 1 16 ? -4.055  -1.777  -3.531  1.00 12.00 ? 16 ARG A C   1 
ATOM 133 O O   . ARG A 1 16 ? -4.160  -2.983  -3.750  1.00 12.00 ? 16 ARG A O   1 
ATOM 134 C CB  . ARG A 1 16 ? -5.407  -0.526  -5.236  1.00 12.00 ? 16 ARG A CB  1 
ATOM 135 C CG  . ARG A 1 16 ? -6.267  0.142   -4.162  1.00 12.00 ? 16 ARG A CG  1 
ATOM 136 C CD  . ARG A 1 16 ? -7.755  0.082   -4.509  1.00 12.00 ? 16 ARG A CD  1 
ATOM 137 N NE  . ARG A 1 16 ? -8.078  1.075   -5.535  1.00 12.00 ? 16 ARG A NE  1 
ATOM 138 C CZ  . ARG A 1 16 ? -9.271  1.210   -6.124  1.00 12.00 ? 16 ARG A CZ  1 
ATOM 139 N NH1 . ARG A 1 16 ? -10.284 0.394   -5.841  1.00 12.00 ? 16 ARG A NH1 1 
ATOM 140 N NH2 . ARG A 1 16 ? -9.486  2.214   -6.954  1.00 12.00 ? 16 ARG A NH2 1 
ATOM 141 N N   . TYR A 1 17 ? -3.906  -1.235  -2.318  1.00 12.00 ? 17 TYR A N   1 
ATOM 142 C CA  . TYR A 1 17 ? -3.912  -2.040  -1.070  1.00 12.00 ? 17 TYR A CA  1 
ATOM 143 C C   . TYR A 1 17 ? -4.149  -1.168  0.197   1.00 12.00 ? 17 TYR A C   1 
ATOM 144 O O   . TYR A 1 17 ? -4.393  0.026   0.098   1.00 12.00 ? 17 TYR A O   1 
ATOM 145 C CB  . TYR A 1 17 ? -2.585  -2.828  -0.990  1.00 12.00 ? 17 TYR A CB  1 
ATOM 146 C CG  . TYR A 1 17 ? -1.420  -2.166  -0.223  1.00 12.00 ? 17 TYR A CG  1 
ATOM 147 C CD1 . TYR A 1 17 ? -1.192  -0.771  -0.294  1.00 12.00 ? 17 TYR A CD1 1 
ATOM 148 C CD2 . TYR A 1 17 ? -0.605  -3.020  0.538   1.00 12.00 ? 17 TYR A CD2 1 
ATOM 149 C CE1 . TYR A 1 17 ? -0.083  -0.217  0.369   1.00 12.00 ? 17 TYR A CE1 1 
ATOM 150 C CE2 . TYR A 1 17 ? 0.515   -2.470  1.211   1.00 12.00 ? 17 TYR A CE2 1 
ATOM 151 C CZ  . TYR A 1 17 ? 0.759   -1.090  1.093   1.00 12.00 ? 17 TYR A CZ  1 
ATOM 152 O OH  . TYR A 1 17 ? 1.947   -0.613  1.548   1.00 12.00 ? 17 TYR A OH  1 
ATOM 153 N N   . ARG A 1 18 ? -3.773  -1.734  1.344   1.00 12.00 ? 18 ARG A N   1 
ATOM 154 C CA  . ARG A 1 18 ? -3.651  -1.019  2.627   1.00 12.00 ? 18 ARG A CA  1 
ATOM 155 C C   . ARG A 1 18 ? -2.203  -0.902  3.114   1.00 12.00 ? 18 ARG A C   1 
ATOM 156 O O   . ARG A 1 18 ? -1.501  -1.895  3.245   1.00 12.00 ? 18 ARG A O   1 
ATOM 157 C CB  . ARG A 1 18 ? -4.435  -1.757  3.697   1.00 12.00 ? 18 ARG A CB  1 
ATOM 158 C CG  . ARG A 1 18 ? -5.732  -0.984  3.864   1.00 12.00 ? 18 ARG A CG  1 
ATOM 159 C CD  . ARG A 1 18 ? -6.749  -1.897  4.525   1.00 12.00 ? 18 ARG A CD  1 
ATOM 160 N NE  . ARG A 1 18 ? -8.052  -1.364  4.141   1.00 12.00 ? 18 ARG A NE  1 
ATOM 161 C CZ  . ARG A 1 18 ? -9.236  -1.988  4.285   1.00 12.00 ? 18 ARG A CZ  1 
ATOM 162 N NH1 . ARG A 1 18 ? -9.283  -3.216  4.812   1.00 12.00 ? 18 ARG A NH1 1 
ATOM 163 N NH2 . ARG A 1 18 ? -10.326 -1.404  3.904   1.00 12.00 ? 18 ARG A NH2 1 
ATOM 164 N N   . ARG A 1 19 ? -1.876  0.305   3.558   1.00 12.00 ? 19 ARG A N   1 
ATOM 165 C CA  . ARG A 1 19 ? -0.547  0.576   4.126   1.00 12.00 ? 19 ARG A CA  1 
ATOM 166 C C   . ARG A 1 19 ? -0.668  1.060   5.574   1.00 12.00 ? 19 ARG A C   1 
ATOM 167 O O   . ARG A 1 19 ? -1.584  1.801   5.920   1.00 12.00 ? 19 ARG A O   1 
ATOM 168 C CB  . ARG A 1 19 ? 0.176   1.613   3.276   1.00 12.00 ? 19 ARG A CB  1 
ATOM 169 C CG  . ARG A 1 19 ? 1.678   1.693   3.533   1.00 12.00 ? 19 ARG A CG  1 
ATOM 170 C CD  . ARG A 1 19 ? 2.429   2.361   2.370   1.00 12.00 ? 19 ARG A CD  1 
ATOM 171 N NE  . ARG A 1 19 ? 1.770   3.600   1.920   1.00 12.00 ? 19 ARG A NE  1 
ATOM 172 C CZ  . ARG A 1 19 ? 2.350   4.599   1.262   1.00 12.00 ? 19 ARG A CZ  1 
ATOM 173 N NH1 . ARG A 1 19 ? 3.632   4.565   0.936   1.00 12.00 ? 19 ARG A NH1 1 
ATOM 174 N NH2 . ARG A 1 19 ? 1.629   5.640   0.876   1.00 12.00 ? 19 ARG A NH2 1 
ATOM 175 N N   . CYS A 1 20 ? 0.237   0.518   6.379   1.00 12.00 ? 20 CYS A N   1 
ATOM 176 C CA  . CYS A 1 20 ? 0.340   0.824   7.814   1.00 12.00 ? 20 CYS A CA  1 
ATOM 177 C C   . CYS A 1 20 ? 1.688   1.525   8.054   1.00 12.00 ? 20 CYS A C   1 
ATOM 178 O O   . CYS A 1 20 ? 2.691   1.225   7.406   1.00 12.00 ? 20 CYS A O   1 
ATOM 179 C CB  . CYS A 1 20 ? 0.294   -0.463  8.627   1.00 12.00 ? 20 CYS A CB  1 
ATOM 180 S SG  . CYS A 1 20 ? -1.069  -1.610  8.199   1.00 12.00 ? 20 CYS A SG  1 
ATOM 181 N N   . TRP A 1 21 ? 1.620   2.485   8.967   1.00 12.00 ? 21 TRP A N   1 
ATOM 182 C CA  . TRP A 1 21 ? 2.714   3.424   9.325   1.00 12.00 ? 21 TRP A CA  1 
ATOM 183 C C   . TRP A 1 21 ? 2.295   4.319   10.499  1.00 12.00 ? 21 TRP A C   1 
ATOM 184 O O   . TRP A 1 21 ? 1.176   4.167   11.034  1.00 12.00 ? 21 TRP A O   1 
ATOM 185 C CB  . TRP A 1 21 ? 3.148   4.297   8.126   1.00 12.00 ? 21 TRP A CB  1 
ATOM 186 C CG  . TRP A 1 21 ? 2.112   4.538   7.012   1.00 12.00 ? 21 TRP A CG  1 
ATOM 187 C CD1 . TRP A 1 21 ? 2.377   4.405   5.717   1.00 12.00 ? 21 TRP A CD1 1 
ATOM 188 C CD2 . TRP A 1 21 ? 0.727   4.734   7.104   1.00 12.00 ? 21 TRP A CD2 1 
ATOM 189 N NE1 . TRP A 1 21 ? 1.272   4.462   4.990   1.00 12.00 ? 21 TRP A NE1 1 
ATOM 190 C CE2 . TRP A 1 21 ? 0.224   4.641   5.793   1.00 12.00 ? 21 TRP A CE2 1 
ATOM 191 C CE3 . TRP A 1 21 ? -0.150  5.017   8.179   1.00 12.00 ? 21 TRP A CE3 1 
ATOM 192 C CZ2 . TRP A 1 21 ? -1.150  4.799   5.524   1.00 12.00 ? 21 TRP A CZ2 1 
ATOM 193 C CZ3 . TRP A 1 21 ? -1.524  5.162   7.929   1.00 12.00 ? 21 TRP A CZ3 1 
ATOM 194 C CH2 . TRP A 1 21 ? -2.013  5.045   6.612   1.00 12.00 ? 21 TRP A CH2 1 
# 
